data_2G7C
#
_entry.id   2G7C
#
_cell.length_a   38.682
_cell.length_b   132.825
_cell.length_c   65.917
_cell.angle_alpha   90.00
_cell.angle_beta   100.29
_cell.angle_gamma   90.00
#
_symmetry.space_group_name_H-M   'P 1 21 1'
#
loop_
_entity.id
_entity.type
_entity.pdbx_description
1 polymer 'Toxin A'
2 branched alpha-D-galactopyranose-(1-3)-beta-D-galactopyranose-(1-4)-2-acetamido-2-deoxy-beta-D-glucopyranose
3 non-polymer GLYCEROL
4 water water
#
_entity_poly.entity_id   1
_entity_poly.type   'polypeptide(L)'
_entity_poly.pdbx_seq_one_letter_code
;SKAVTGMRTIDGKKYYFNTNTAEAATGWQTIDGKKYYFNTNTSIASTGYTIINDKHFYFNTDGIMQIGVFKGPDGFEYFA
PANTDANNIEGQAIRYQNRFLYLHDNIYYFGNNSKAATGWVTIDGRRYYFEPNTAIGANGYKIIDNKNFYFRNGLPQIGV
FKGPNGFEYFAPANTDANNIDGQAIRYQNRFLHLLGNIYYFGNNSKAVTGWQTINGNMYYFMPDTAMAAAGGLFEIDGVI
YFFGVDGVKAPGIYG
;
_entity_poly.pdbx_strand_id   A,B
#
loop_
_chem_comp.id
_chem_comp.type
_chem_comp.name
_chem_comp.formula
GAL D-saccharide, beta linking beta-D-galactopyranose 'C6 H12 O6'
GLA D-saccharide, alpha linking alpha-D-galactopyranose 'C6 H12 O6'
GOL non-polymer GLYCEROL 'C3 H8 O3'
NAG D-saccharide, beta linking 2-acetamido-2-deoxy-beta-D-glucopyranose 'C8 H15 N O6'
#
# COMPACT_ATOMS: atom_id res chain seq x y z
N GLY A 6 -1.57 49.11 30.46
CA GLY A 6 -2.81 48.68 31.16
C GLY A 6 -3.98 48.45 30.22
N MET A 7 -4.30 47.17 30.00
CA MET A 7 -5.42 46.80 29.12
C MET A 7 -6.51 46.15 29.95
N ARG A 8 -7.60 46.88 30.17
CA ARG A 8 -8.70 46.36 30.97
C ARG A 8 -9.92 45.90 30.18
N THR A 9 -10.72 45.05 30.80
CA THR A 9 -11.92 44.52 30.19
C THR A 9 -13.11 44.79 31.09
N ILE A 10 -14.04 45.61 30.61
CA ILE A 10 -15.23 45.95 31.37
C ILE A 10 -16.50 45.63 30.61
N ASP A 11 -17.47 45.05 31.32
CA ASP A 11 -18.75 44.67 30.72
C ASP A 11 -18.55 43.82 29.46
N GLY A 12 -17.71 42.80 29.59
CA GLY A 12 -17.45 41.91 28.47
C GLY A 12 -16.75 42.55 27.29
N LYS A 13 -16.42 43.83 27.40
CA LYS A 13 -15.74 44.54 26.32
C LYS A 13 -14.33 44.93 26.77
N LYS A 14 -13.33 44.61 25.95
CA LYS A 14 -11.95 44.90 26.29
C LYS A 14 -11.41 46.19 25.68
N TYR A 15 -10.69 46.96 26.50
CA TYR A 15 -10.12 48.23 26.06
C TYR A 15 -8.64 48.35 26.41
N TYR A 16 -7.94 49.23 25.69
CA TYR A 16 -6.54 49.47 25.92
C TYR A 16 -6.34 50.95 26.27
N PHE A 17 -6.09 51.22 27.55
CA PHE A 17 -5.91 52.59 28.00
C PHE A 17 -4.46 53.07 27.97
N ASN A 18 -4.27 54.32 27.54
CA ASN A 18 -2.94 54.91 27.49
C ASN A 18 -2.60 55.45 28.88
N THR A 19 -2.54 54.51 29.81
CA THR A 19 -2.20 54.69 31.21
C THR A 19 -2.51 56.01 31.93
N ASN A 20 -1.68 57.02 31.72
CA ASN A 20 -1.88 58.30 32.41
C ASN A 20 -3.20 59.00 32.09
N THR A 21 -3.74 58.80 30.89
CA THR A 21 -5.01 59.44 30.58
C THR A 21 -6.15 58.42 30.67
N ALA A 22 -7.34 58.90 31.03
CA ALA A 22 -8.49 58.01 31.19
C ALA A 22 -9.17 57.71 29.86
N GLU A 23 -8.41 57.77 28.76
CA GLU A 23 -8.98 57.48 27.45
C GLU A 23 -8.54 56.16 26.84
N ALA A 24 -9.48 55.47 26.20
CA ALA A 24 -9.21 54.19 25.54
C ALA A 24 -8.66 54.41 24.14
N ALA A 25 -7.72 53.56 23.72
CA ALA A 25 -7.11 53.67 22.40
C ALA A 25 -7.92 53.00 21.28
N THR A 26 -7.69 53.44 20.05
CA THR A 26 -8.37 52.87 18.88
C THR A 26 -7.31 52.41 17.88
N GLY A 27 -7.72 51.64 16.88
CA GLY A 27 -6.80 51.16 15.87
C GLY A 27 -5.94 49.97 16.25
N TRP A 28 -4.98 49.64 15.38
CA TRP A 28 -4.08 48.51 15.62
C TRP A 28 -3.14 48.79 16.79
N GLN A 29 -2.97 47.81 17.66
CA GLN A 29 -2.08 47.93 18.80
C GLN A 29 -1.32 46.62 19.04
N THR A 30 0.00 46.72 19.19
CA THR A 30 0.81 45.54 19.43
C THR A 30 1.11 45.44 20.92
N ILE A 31 0.36 44.59 21.61
CA ILE A 31 0.50 44.41 23.05
C ILE A 31 1.10 43.06 23.40
N ASP A 32 2.36 43.06 23.84
CA ASP A 32 3.06 41.84 24.22
C ASP A 32 3.31 40.94 23.00
N GLY A 33 3.72 41.53 21.90
CA GLY A 33 3.97 40.77 20.69
C GLY A 33 2.69 40.37 19.99
N LYS A 34 1.56 40.57 20.67
CA LYS A 34 0.26 40.24 20.11
C LYS A 34 -0.35 41.46 19.43
N LYS A 35 -1.14 41.22 18.39
CA LYS A 35 -1.79 42.30 17.67
C LYS A 35 -3.29 42.35 17.96
N TYR A 36 -3.78 43.55 18.23
CA TYR A 36 -5.19 43.77 18.53
C TYR A 36 -5.68 44.92 17.65
N TYR A 37 -6.97 44.94 17.35
CA TYR A 37 -7.53 46.04 16.58
C TYR A 37 -8.73 46.59 17.33
N PHE A 38 -8.54 47.75 17.95
CA PHE A 38 -9.61 48.39 18.69
C PHE A 38 -10.40 49.25 17.71
N ASN A 39 -11.63 48.86 17.45
CA ASN A 39 -12.49 49.59 16.51
C ASN A 39 -12.34 51.11 16.66
N THR A 40 -12.09 51.79 15.54
CA THR A 40 -11.89 53.24 15.56
C THR A 40 -13.13 54.06 15.90
N ASN A 41 -14.30 53.44 15.88
CA ASN A 41 -15.53 54.17 16.21
C ASN A 41 -16.12 53.82 17.56
N THR A 42 -15.54 52.85 18.27
CA THR A 42 -16.06 52.44 19.57
C THR A 42 -14.96 52.14 20.59
N SER A 43 -13.73 52.02 20.10
CA SER A 43 -12.56 51.71 20.92
C SER A 43 -12.61 50.30 21.50
N ILE A 44 -13.64 49.53 21.12
CA ILE A 44 -13.80 48.17 21.60
C ILE A 44 -12.93 47.19 20.80
N ALA A 45 -12.24 46.31 21.52
CA ALA A 45 -11.36 45.32 20.89
C ALA A 45 -12.13 44.36 19.99
N SER A 46 -11.61 44.16 18.78
CA SER A 46 -12.25 43.27 17.81
C SER A 46 -12.13 41.82 18.24
N THR A 47 -13.18 41.04 17.98
CA THR A 47 -13.19 39.62 18.32
C THR A 47 -13.90 38.86 17.21
N GLY A 48 -13.37 37.69 16.85
CA GLY A 48 -13.98 36.90 15.79
C GLY A 48 -13.65 37.46 14.42
N TYR A 49 -14.40 37.02 13.41
CA TYR A 49 -14.23 37.47 12.03
C TYR A 49 -14.44 38.99 11.96
N THR A 50 -13.43 39.72 11.50
CA THR A 50 -13.51 41.18 11.44
C THR A 50 -13.03 41.79 10.12
N ILE A 51 -13.85 42.67 9.56
CA ILE A 51 -13.50 43.34 8.31
C ILE A 51 -12.86 44.68 8.66
N ILE A 52 -11.65 44.89 8.17
CA ILE A 52 -10.90 46.10 8.45
C ILE A 52 -10.26 46.65 7.17
N ASN A 53 -10.74 47.79 6.70
CA ASN A 53 -10.22 48.40 5.48
C ASN A 53 -10.42 47.46 4.30
N ASP A 54 -11.60 46.85 4.22
CA ASP A 54 -11.94 45.93 3.15
C ASP A 54 -11.09 44.67 3.08
N LYS A 55 -10.52 44.29 4.21
CA LYS A 55 -9.72 43.09 4.30
C LYS A 55 -10.26 42.30 5.48
N HIS A 56 -10.01 41.00 5.49
CA HIS A 56 -10.51 40.12 6.55
C HIS A 56 -9.43 39.67 7.53
N PHE A 57 -9.75 39.74 8.82
CA PHE A 57 -8.84 39.32 9.88
C PHE A 57 -9.62 38.49 10.88
N TYR A 58 -8.94 37.70 11.69
CA TYR A 58 -9.61 36.89 12.69
C TYR A 58 -8.94 37.05 14.05
N PHE A 59 -9.74 37.38 15.06
CA PHE A 59 -9.25 37.56 16.43
C PHE A 59 -9.94 36.55 17.36
N ASN A 60 -9.21 36.04 18.35
CA ASN A 60 -9.83 35.10 19.29
C ASN A 60 -10.69 35.87 20.28
N THR A 61 -11.29 35.16 21.23
CA THR A 61 -12.14 35.77 22.24
C THR A 61 -11.44 36.83 23.07
N ASP A 62 -10.11 36.78 23.09
CA ASP A 62 -9.33 37.75 23.86
C ASP A 62 -8.79 38.91 23.03
N GLY A 63 -9.22 39.00 21.78
CA GLY A 63 -8.80 40.10 20.92
C GLY A 63 -7.46 39.95 20.22
N ILE A 64 -6.79 38.82 20.41
CA ILE A 64 -5.49 38.59 19.78
C ILE A 64 -5.67 38.13 18.32
N MET A 65 -4.98 38.80 17.40
CA MET A 65 -5.07 38.45 15.99
C MET A 65 -4.53 37.06 15.75
N GLN A 66 -5.27 36.24 15.02
CA GLN A 66 -4.87 34.87 14.76
C GLN A 66 -4.38 34.61 13.33
N ILE A 67 -3.51 33.62 13.20
CA ILE A 67 -2.98 33.20 11.91
C ILE A 67 -3.42 31.75 11.76
N GLY A 68 -4.19 31.47 10.70
CA GLY A 68 -4.67 30.12 10.48
C GLY A 68 -5.94 30.06 9.65
N VAL A 69 -6.68 28.96 9.80
CA VAL A 69 -7.92 28.75 9.08
C VAL A 69 -9.11 28.86 10.02
N PHE A 70 -9.91 29.91 9.84
CA PHE A 70 -11.05 30.15 10.71
C PHE A 70 -12.32 30.45 9.93
N LYS A 71 -13.45 30.05 10.49
CA LYS A 71 -14.72 30.24 9.83
C LYS A 71 -15.27 31.66 9.88
N GLY A 72 -15.75 32.12 8.72
CA GLY A 72 -16.36 33.43 8.62
C GLY A 72 -17.73 33.19 8.03
N PRO A 73 -18.50 34.25 7.74
CA PRO A 73 -19.84 34.09 7.17
C PRO A 73 -19.87 33.39 5.82
N ASP A 74 -18.77 33.47 5.08
CA ASP A 74 -18.69 32.83 3.77
C ASP A 74 -17.87 31.53 3.78
N GLY A 75 -17.64 30.99 4.98
CA GLY A 75 -16.87 29.76 5.07
C GLY A 75 -15.52 29.96 5.74
N PHE A 76 -14.69 28.93 5.70
CA PHE A 76 -13.37 29.01 6.32
C PHE A 76 -12.38 29.71 5.41
N GLU A 77 -11.75 30.76 5.94
CA GLU A 77 -10.75 31.50 5.17
C GLU A 77 -9.37 31.28 5.74
N TYR A 78 -8.35 31.58 4.94
CA TYR A 78 -6.98 31.41 5.38
C TYR A 78 -6.37 32.75 5.74
N PHE A 79 -6.21 32.99 7.03
CA PHE A 79 -5.60 34.23 7.51
C PHE A 79 -4.13 33.87 7.62
N ALA A 80 -3.38 34.32 6.62
CA ALA A 80 -1.96 33.98 6.50
C ALA A 80 -0.90 34.98 6.90
N PRO A 81 0.35 34.48 7.07
CA PRO A 81 1.51 35.28 7.44
C PRO A 81 1.77 36.27 6.31
N ALA A 82 2.45 37.36 6.61
CA ALA A 82 2.75 38.35 5.59
C ALA A 82 3.44 37.73 4.38
N ASN A 83 3.23 38.33 3.22
CA ASN A 83 3.84 37.87 1.97
C ASN A 83 3.59 36.42 1.59
N THR A 84 2.35 35.96 1.74
CA THR A 84 2.02 34.59 1.36
C THR A 84 1.45 34.63 -0.06
N ASP A 85 0.79 35.74 -0.39
CA ASP A 85 0.22 35.93 -1.72
C ASP A 85 0.10 37.42 -1.98
N ALA A 86 0.73 37.89 -3.05
CA ALA A 86 0.69 39.30 -3.41
C ALA A 86 1.02 40.18 -2.20
N ASN A 87 2.12 39.86 -1.53
CA ASN A 87 2.58 40.61 -0.36
C ASN A 87 1.43 41.02 0.56
N ASN A 88 0.64 40.05 0.99
CA ASN A 88 -0.48 40.34 1.88
C ASN A 88 0.07 40.68 3.26
N ILE A 89 -0.70 41.44 4.03
CA ILE A 89 -0.27 41.80 5.37
C ILE A 89 -0.58 40.66 6.32
N GLU A 90 0.21 40.56 7.37
CA GLU A 90 0.06 39.50 8.37
C GLU A 90 -1.35 39.40 8.93
N GLY A 91 -1.88 38.18 8.98
CA GLY A 91 -3.21 37.97 9.53
C GLY A 91 -4.37 38.17 8.59
N GLN A 92 -4.10 38.77 7.44
CA GLN A 92 -5.12 39.03 6.43
C GLN A 92 -5.54 37.72 5.74
N ALA A 93 -6.82 37.62 5.38
CA ALA A 93 -7.30 36.43 4.67
C ALA A 93 -6.84 36.64 3.24
N ILE A 94 -6.37 35.58 2.61
CA ILE A 94 -5.86 35.70 1.24
C ILE A 94 -6.50 34.80 0.19
N ARG A 95 -6.21 35.10 -1.06
CA ARG A 95 -6.68 34.30 -2.17
C ARG A 95 -5.80 33.06 -2.09
N TYR A 96 -6.44 31.89 -2.03
CA TYR A 96 -5.71 30.63 -1.94
C TYR A 96 -6.69 29.69 -2.61
N GLN A 97 -6.43 29.39 -3.88
CA GLN A 97 -7.33 28.57 -4.67
C GLN A 97 -6.89 27.17 -5.09
N ASN A 98 -7.88 26.28 -5.10
CA ASN A 98 -7.70 24.90 -5.53
C ASN A 98 -6.38 24.25 -5.16
N ARG A 99 -6.10 24.17 -3.87
CA ARG A 99 -4.87 23.53 -3.43
C ARG A 99 -4.89 23.22 -1.94
N PHE A 100 -3.97 22.35 -1.54
CA PHE A 100 -3.85 21.95 -0.15
C PHE A 100 -3.08 22.98 0.67
N LEU A 101 -3.30 22.93 1.97
CA LEU A 101 -2.60 23.80 2.91
C LEU A 101 -2.19 22.92 4.08
N TYR A 102 -0.91 22.96 4.43
CA TYR A 102 -0.39 22.18 5.53
C TYR A 102 0.03 23.12 6.65
N LEU A 103 -0.69 23.10 7.76
CA LEU A 103 -0.35 23.92 8.93
C LEU A 103 0.12 22.91 9.96
N HIS A 104 1.34 22.43 9.75
CA HIS A 104 1.95 21.43 10.62
C HIS A 104 0.97 20.35 11.04
N ASP A 105 1.08 19.22 10.32
CA ASP A 105 0.26 18.01 10.46
C ASP A 105 -1.25 18.17 10.26
N ASN A 106 -1.71 19.42 10.19
CA ASN A 106 -3.13 19.65 9.92
C ASN A 106 -3.20 19.88 8.42
N ILE A 107 -4.13 19.22 7.75
CA ILE A 107 -4.26 19.38 6.30
C ILE A 107 -5.61 19.95 5.93
N TYR A 108 -5.60 20.94 5.05
CA TYR A 108 -6.83 21.57 4.56
C TYR A 108 -6.75 21.56 3.06
N TYR A 109 -7.90 21.72 2.42
CA TYR A 109 -7.94 21.82 0.97
C TYR A 109 -8.82 23.02 0.69
N PHE A 110 -8.30 23.97 -0.09
CA PHE A 110 -9.06 25.17 -0.42
C PHE A 110 -9.63 25.12 -1.83
N GLY A 111 -10.92 25.42 -1.96
CA GLY A 111 -11.59 25.39 -3.24
C GLY A 111 -11.30 26.59 -4.14
N ASN A 112 -12.09 26.72 -5.21
CA ASN A 112 -11.92 27.83 -6.15
C ASN A 112 -12.28 29.18 -5.52
N ASN A 113 -13.11 29.14 -4.48
CA ASN A 113 -13.56 30.35 -3.78
C ASN A 113 -12.65 30.76 -2.62
N SER A 114 -11.46 30.16 -2.55
CA SER A 114 -10.52 30.45 -1.48
C SER A 114 -11.08 30.09 -0.11
N LYS A 115 -12.06 29.19 -0.08
CA LYS A 115 -12.63 28.75 1.19
C LYS A 115 -12.24 27.28 1.37
N ALA A 116 -11.99 26.86 2.61
CA ALA A 116 -11.60 25.48 2.85
C ALA A 116 -12.79 24.53 2.72
N ALA A 117 -12.56 23.38 2.08
CA ALA A 117 -13.61 22.40 1.87
C ALA A 117 -13.96 21.70 3.19
N THR A 118 -15.21 21.29 3.34
CA THR A 118 -15.65 20.58 4.54
C THR A 118 -16.50 19.41 4.06
N GLY A 119 -16.59 18.36 4.88
CA GLY A 119 -17.34 17.19 4.50
C GLY A 119 -16.59 16.34 3.48
N TRP A 120 -17.31 15.47 2.78
CA TRP A 120 -16.71 14.59 1.76
C TRP A 120 -16.44 15.33 0.46
N VAL A 121 -15.27 15.13 -0.11
CA VAL A 121 -14.95 15.73 -1.41
C VAL A 121 -14.00 14.82 -2.15
N THR A 122 -13.96 14.95 -3.46
CA THR A 122 -13.04 14.16 -4.27
C THR A 122 -12.00 15.12 -4.81
N ILE A 123 -10.72 14.79 -4.61
CA ILE A 123 -9.63 15.64 -5.08
C ILE A 123 -8.63 14.77 -5.83
N ASP A 124 -8.46 15.04 -7.12
CA ASP A 124 -7.53 14.26 -7.94
C ASP A 124 -7.83 12.77 -7.90
N GLY A 125 -9.11 12.43 -7.93
CA GLY A 125 -9.50 11.03 -7.92
C GLY A 125 -9.54 10.33 -6.58
N ARG A 126 -9.26 11.02 -5.49
CA ARG A 126 -9.28 10.39 -4.17
C ARG A 126 -10.32 11.02 -3.26
N ARG A 127 -10.98 10.19 -2.47
CA ARG A 127 -12.00 10.66 -1.55
C ARG A 127 -11.41 11.11 -0.23
N TYR A 128 -11.78 12.30 0.22
CA TYR A 128 -11.29 12.86 1.48
C TYR A 128 -12.47 13.31 2.32
N TYR A 129 -12.23 13.46 3.62
CA TYR A 129 -13.24 13.99 4.53
C TYR A 129 -12.57 15.03 5.40
N PHE A 130 -13.12 16.24 5.38
CA PHE A 130 -12.60 17.33 6.19
C PHE A 130 -13.66 17.64 7.24
N GLU A 131 -13.24 17.72 8.50
CA GLU A 131 -14.17 17.98 9.59
C GLU A 131 -14.90 19.30 9.40
N PRO A 132 -16.25 19.24 9.40
CA PRO A 132 -17.09 20.43 9.22
C PRO A 132 -16.84 21.52 10.26
N ASN A 133 -16.50 21.11 11.48
CA ASN A 133 -16.25 22.06 12.56
C ASN A 133 -14.94 22.82 12.47
N THR A 134 -13.97 22.26 11.77
CA THR A 134 -12.65 22.86 11.69
C THR A 134 -12.03 22.91 10.29
N ALA A 135 -12.58 22.12 9.37
CA ALA A 135 -12.06 22.03 8.00
C ALA A 135 -10.76 21.22 7.96
N ILE A 136 -10.40 20.61 9.08
CA ILE A 136 -9.17 19.82 9.13
C ILE A 136 -9.40 18.39 8.66
N GLY A 137 -8.48 17.89 7.85
CA GLY A 137 -8.60 16.52 7.35
C GLY A 137 -8.71 15.57 8.53
N ALA A 138 -9.66 14.65 8.45
CA ALA A 138 -9.89 13.69 9.52
C ALA A 138 -8.73 12.73 9.79
N ASN A 139 -8.63 12.29 11.03
CA ASN A 139 -7.61 11.34 11.46
C ASN A 139 -8.21 10.40 12.49
N GLY A 140 -7.90 9.11 12.38
CA GLY A 140 -8.42 8.13 13.33
C GLY A 140 -9.84 7.67 13.10
N TYR A 141 -10.39 6.99 14.10
CA TYR A 141 -11.75 6.45 14.05
C TYR A 141 -12.80 7.56 13.99
N LYS A 142 -13.74 7.45 13.07
CA LYS A 142 -14.79 8.45 12.91
C LYS A 142 -16.12 7.81 12.51
N ILE A 143 -17.20 8.29 13.10
CA ILE A 143 -18.51 7.80 12.73
C ILE A 143 -19.11 8.95 11.92
N ILE A 144 -19.50 8.65 10.69
CA ILE A 144 -20.05 9.68 9.81
C ILE A 144 -21.34 9.14 9.18
N ASP A 145 -22.45 9.76 9.53
CA ASP A 145 -23.76 9.33 9.02
C ASP A 145 -23.97 7.83 9.26
N ASN A 146 -23.69 7.40 10.48
CA ASN A 146 -23.85 6.02 10.91
C ASN A 146 -23.01 4.98 10.16
N LYS A 147 -21.81 5.39 9.78
CA LYS A 147 -20.87 4.49 9.14
C LYS A 147 -19.52 4.81 9.78
N ASN A 148 -18.67 3.81 9.93
CA ASN A 148 -17.38 4.00 10.60
C ASN A 148 -16.23 4.00 9.60
N PHE A 149 -15.29 4.90 9.81
CA PHE A 149 -14.11 5.02 8.96
C PHE A 149 -12.88 5.18 9.84
N TYR A 150 -11.71 4.87 9.29
CA TYR A 150 -10.46 5.05 10.04
C TYR A 150 -9.54 5.85 9.11
N PHE A 151 -9.44 7.15 9.37
CA PHE A 151 -8.68 8.07 8.54
C PHE A 151 -7.22 8.34 8.88
N ARG A 152 -6.51 8.80 7.85
CA ARG A 152 -5.14 9.26 7.99
C ARG A 152 -5.05 10.42 7.01
N ASN A 153 -4.80 11.61 7.55
CA ASN A 153 -4.68 12.79 6.70
C ASN A 153 -5.88 12.99 5.76
N GLY A 154 -7.08 12.75 6.28
CA GLY A 154 -8.28 12.94 5.48
C GLY A 154 -8.72 11.79 4.62
N LEU A 155 -7.85 10.79 4.45
CA LEU A 155 -8.14 9.62 3.63
C LEU A 155 -8.64 8.40 4.40
N PRO A 156 -9.78 7.82 3.99
CA PRO A 156 -10.31 6.64 4.67
C PRO A 156 -9.32 5.50 4.33
N GLN A 157 -8.90 4.72 5.32
CA GLN A 157 -7.95 3.64 5.06
C GLN A 157 -8.62 2.28 5.02
N ILE A 158 -8.09 1.39 4.19
CA ILE A 158 -8.61 0.03 4.07
C ILE A 158 -7.72 -0.86 4.93
N GLY A 159 -8.31 -1.65 5.82
CA GLY A 159 -7.51 -2.50 6.67
C GLY A 159 -8.24 -2.84 7.95
N VAL A 160 -7.52 -3.39 8.91
CA VAL A 160 -8.11 -3.77 10.19
C VAL A 160 -7.51 -2.84 11.23
N PHE A 161 -8.35 -1.96 11.79
CA PHE A 161 -7.88 -0.98 12.77
C PHE A 161 -8.68 -1.07 14.05
N LYS A 162 -8.07 -0.70 15.17
CA LYS A 162 -8.76 -0.79 16.44
C LYS A 162 -9.57 0.47 16.71
N GLY A 163 -10.86 0.29 16.97
CA GLY A 163 -11.73 1.41 17.28
C GLY A 163 -12.16 1.25 18.73
N PRO A 164 -13.09 2.07 19.22
CA PRO A 164 -13.58 2.03 20.61
C PRO A 164 -14.21 0.68 21.00
N ASN A 165 -14.69 -0.04 19.99
CA ASN A 165 -15.33 -1.33 20.23
C ASN A 165 -14.52 -2.52 19.74
N GLY A 166 -13.26 -2.30 19.41
CA GLY A 166 -12.43 -3.40 18.93
C GLY A 166 -11.96 -3.19 17.50
N PHE A 167 -11.29 -4.19 16.95
CA PHE A 167 -10.79 -4.12 15.59
C PHE A 167 -11.93 -4.34 14.60
N GLU A 168 -12.14 -3.37 13.71
CA GLU A 168 -13.19 -3.47 12.70
C GLU A 168 -12.54 -3.68 11.33
N TYR A 169 -13.30 -4.21 10.39
CA TYR A 169 -12.77 -4.40 9.05
C TYR A 169 -13.23 -3.24 8.16
N PHE A 170 -12.32 -2.31 7.90
CA PHE A 170 -12.64 -1.17 7.04
C PHE A 170 -12.25 -1.71 5.66
N ALA A 171 -13.27 -2.16 4.95
CA ALA A 171 -13.12 -2.87 3.69
C ALA A 171 -13.03 -2.16 2.35
N PRO A 172 -12.49 -2.88 1.36
CA PRO A 172 -12.32 -2.41 -0.02
C PRO A 172 -13.77 -2.22 -0.50
N ALA A 173 -13.98 -1.32 -1.43
CA ALA A 173 -15.33 -1.05 -1.94
C ALA A 173 -16.04 -2.32 -2.40
N ASN A 174 -17.36 -2.32 -2.20
CA ASN A 174 -18.21 -3.40 -2.62
C ASN A 174 -17.93 -4.79 -2.06
N THR A 175 -17.60 -4.84 -0.77
CA THR A 175 -17.36 -6.12 -0.09
C THR A 175 -18.71 -6.54 0.52
N ASP A 176 -19.51 -5.56 0.96
CA ASP A 176 -20.85 -5.83 1.50
C ASP A 176 -21.71 -4.57 1.38
N ALA A 177 -22.94 -4.71 0.88
CA ALA A 177 -23.85 -3.57 0.73
C ALA A 177 -23.24 -2.40 -0.04
N ASN A 178 -22.45 -2.70 -1.07
CA ASN A 178 -21.82 -1.67 -1.89
C ASN A 178 -21.10 -0.60 -1.06
N ASN A 179 -20.43 -1.03 0.00
CA ASN A 179 -19.70 -0.08 0.84
C ASN A 179 -18.62 0.62 -0.01
N ILE A 180 -18.24 1.83 0.38
CA ILE A 180 -17.17 2.50 -0.34
C ILE A 180 -15.86 2.07 0.33
N ASP A 181 -14.73 2.39 -0.30
CA ASP A 181 -13.44 2.02 0.27
C ASP A 181 -13.31 2.55 1.69
N GLY A 182 -12.90 1.66 2.60
CA GLY A 182 -12.70 2.08 3.98
C GLY A 182 -13.87 2.04 4.93
N GLN A 183 -15.07 1.75 4.43
CA GLN A 183 -16.21 1.68 5.34
C GLN A 183 -16.14 0.40 6.15
N ALA A 184 -16.36 0.50 7.46
CA ALA A 184 -16.34 -0.71 8.31
C ALA A 184 -17.61 -1.50 7.97
N ILE A 185 -17.46 -2.81 7.82
CA ILE A 185 -18.59 -3.65 7.44
C ILE A 185 -18.89 -4.80 8.37
N ARG A 186 -20.06 -5.41 8.13
CA ARG A 186 -20.49 -6.58 8.89
C ARG A 186 -19.68 -7.70 8.21
N TYR A 187 -18.99 -8.49 9.02
CA TYR A 187 -18.13 -9.56 8.50
C TYR A 187 -18.08 -10.48 9.71
N GLN A 188 -18.81 -11.58 9.63
CA GLN A 188 -18.96 -12.47 10.77
C GLN A 188 -18.50 -13.90 10.69
N ASN A 189 -17.89 -14.35 11.78
CA ASN A 189 -17.40 -15.72 11.93
C ASN A 189 -16.66 -16.23 10.73
N ARG A 190 -15.62 -15.52 10.34
CA ARG A 190 -14.84 -15.95 9.20
C ARG A 190 -13.46 -15.33 9.21
N PHE A 191 -12.57 -15.96 8.45
CA PHE A 191 -11.21 -15.51 8.30
C PHE A 191 -11.14 -14.40 7.26
N LEU A 192 -10.14 -13.55 7.38
CA LEU A 192 -9.91 -12.50 6.41
C LEU A 192 -8.45 -12.66 6.02
N HIS A 193 -8.18 -12.73 4.73
CA HIS A 193 -6.81 -12.82 4.23
C HIS A 193 -6.58 -11.52 3.49
N LEU A 194 -5.66 -10.72 3.99
CA LEU A 194 -5.41 -9.43 3.36
C LEU A 194 -3.92 -9.12 3.26
N LEU A 195 -3.43 -9.04 2.02
CA LEU A 195 -2.03 -8.72 1.76
C LEU A 195 -1.05 -9.56 2.60
N GLY A 196 -1.30 -10.86 2.66
CA GLY A 196 -0.41 -11.75 3.39
C GLY A 196 -0.63 -11.86 4.88
N ASN A 197 -1.59 -11.11 5.43
CA ASN A 197 -1.90 -11.18 6.85
C ASN A 197 -3.21 -11.92 7.04
N ILE A 198 -3.35 -12.58 8.18
CA ILE A 198 -4.53 -13.39 8.48
C ILE A 198 -5.25 -12.87 9.74
N TYR A 199 -6.57 -12.75 9.65
CA TYR A 199 -7.39 -12.28 10.77
C TYR A 199 -8.62 -13.16 10.86
N TYR A 200 -9.26 -13.19 12.02
CA TYR A 200 -10.50 -13.95 12.16
C TYR A 200 -11.48 -13.03 12.87
N PHE A 201 -12.68 -12.89 12.31
CA PHE A 201 -13.69 -12.02 12.89
C PHE A 201 -14.81 -12.82 13.54
N GLY A 202 -15.25 -12.38 14.73
CA GLY A 202 -16.31 -13.08 15.43
C GLY A 202 -17.68 -12.60 14.97
N ASN A 203 -18.73 -13.05 15.67
CA ASN A 203 -20.10 -12.68 15.30
C ASN A 203 -20.36 -11.18 15.47
N ASN A 204 -19.53 -10.51 16.25
CA ASN A 204 -19.68 -9.07 16.46
C ASN A 204 -18.95 -8.24 15.39
N SER A 205 -18.45 -8.89 14.35
CA SER A 205 -17.71 -8.23 13.27
C SER A 205 -16.43 -7.54 13.77
N LYS A 206 -15.86 -8.10 14.83
CA LYS A 206 -14.61 -7.54 15.39
C LYS A 206 -13.57 -8.65 15.35
N ALA A 207 -12.32 -8.28 15.06
CA ALA A 207 -11.25 -9.28 14.98
C ALA A 207 -10.90 -9.82 16.36
N VAL A 208 -10.67 -11.13 16.44
CA VAL A 208 -10.30 -11.74 17.72
C VAL A 208 -8.79 -11.59 17.96
N THR A 209 -8.37 -11.64 19.23
CA THR A 209 -6.95 -11.54 19.59
C THR A 209 -6.63 -12.62 20.61
N GLY A 210 -5.34 -12.93 20.77
CA GLY A 210 -4.94 -13.94 21.72
C GLY A 210 -5.02 -15.32 21.13
N TRP A 211 -4.89 -16.34 21.98
CA TRP A 211 -4.96 -17.72 21.54
C TRP A 211 -6.40 -18.02 21.16
N GLN A 212 -6.60 -18.69 20.03
CA GLN A 212 -7.94 -19.05 19.58
C GLN A 212 -7.87 -20.40 18.90
N THR A 213 -8.85 -21.26 19.17
CA THR A 213 -8.94 -22.56 18.54
C THR A 213 -10.14 -22.44 17.60
N ILE A 214 -9.88 -22.59 16.31
CA ILE A 214 -10.92 -22.46 15.31
C ILE A 214 -10.92 -23.69 14.42
N ASN A 215 -12.05 -24.38 14.37
CA ASN A 215 -12.18 -25.59 13.57
C ASN A 215 -11.06 -26.58 13.91
N GLY A 216 -10.72 -26.66 15.19
CA GLY A 216 -9.69 -27.59 15.63
C GLY A 216 -8.25 -27.14 15.47
N ASN A 217 -8.03 -26.00 14.82
CA ASN A 217 -6.66 -25.50 14.65
C ASN A 217 -6.40 -24.34 15.62
N MET A 218 -5.17 -24.28 16.16
CA MET A 218 -4.79 -23.24 17.10
C MET A 218 -4.05 -22.09 16.42
N TYR A 219 -4.44 -20.88 16.80
CA TYR A 219 -3.87 -19.65 16.26
C TYR A 219 -3.60 -18.71 17.42
N TYR A 220 -2.73 -17.73 17.19
CA TYR A 220 -2.46 -16.70 18.19
C TYR A 220 -2.50 -15.39 17.41
N PHE A 221 -3.52 -14.56 17.68
CA PHE A 221 -3.69 -13.28 17.00
C PHE A 221 -3.11 -12.18 17.88
N MET A 222 -2.10 -11.47 17.36
CA MET A 222 -1.41 -10.41 18.09
C MET A 222 -2.36 -9.38 18.64
N PRO A 223 -2.26 -9.06 19.93
CA PRO A 223 -3.16 -8.07 20.51
C PRO A 223 -3.11 -6.66 19.93
N ASP A 224 -1.97 -6.25 19.37
CA ASP A 224 -1.91 -4.90 18.85
C ASP A 224 -2.34 -4.71 17.40
N THR A 225 -2.44 -5.81 16.66
CA THR A 225 -2.82 -5.73 15.26
C THR A 225 -3.91 -6.72 14.86
N ALA A 226 -4.15 -7.72 15.71
CA ALA A 226 -5.14 -8.77 15.46
C ALA A 226 -4.68 -9.72 14.34
N MET A 227 -3.44 -9.57 13.88
CA MET A 227 -2.91 -10.44 12.82
C MET A 227 -2.42 -11.74 13.45
N ALA A 228 -2.64 -12.86 12.77
CA ALA A 228 -2.20 -14.15 13.28
C ALA A 228 -0.69 -14.29 13.18
N ALA A 229 -0.10 -14.95 14.17
CA ALA A 229 1.33 -15.23 14.12
C ALA A 229 1.40 -16.22 12.97
N ALA A 230 2.31 -16.02 12.02
CA ALA A 230 2.39 -16.92 10.87
C ALA A 230 3.72 -16.87 10.14
N GLY A 231 4.10 -18.00 9.55
CA GLY A 231 5.32 -18.07 8.76
C GLY A 231 6.64 -18.26 9.49
N GLY A 232 6.62 -18.91 10.65
CA GLY A 232 7.87 -19.12 11.38
C GLY A 232 7.74 -19.34 12.88
N LEU A 233 8.85 -19.18 13.57
CA LEU A 233 8.88 -19.34 15.02
C LEU A 233 8.50 -18.03 15.68
N PHE A 234 7.71 -18.12 16.74
CA PHE A 234 7.26 -16.98 17.52
C PHE A 234 7.39 -17.33 19.00
N GLU A 235 7.85 -16.36 19.80
CA GLU A 235 7.96 -16.60 21.23
C GLU A 235 6.79 -15.83 21.85
N ILE A 236 5.87 -16.58 22.46
CA ILE A 236 4.67 -16.02 23.07
C ILE A 236 4.70 -16.34 24.56
N ASP A 237 4.62 -15.30 25.37
CA ASP A 237 4.67 -15.45 26.82
C ASP A 237 5.95 -16.21 27.20
N GLY A 238 7.02 -16.01 26.43
CA GLY A 238 8.28 -16.68 26.73
C GLY A 238 8.44 -18.07 26.16
N VAL A 239 7.39 -18.62 25.54
CA VAL A 239 7.47 -19.96 24.97
C VAL A 239 7.58 -19.90 23.44
N ILE A 240 8.45 -20.74 22.88
CA ILE A 240 8.62 -20.79 21.43
C ILE A 240 7.69 -21.81 20.77
N TYR A 241 6.97 -21.36 19.73
CA TYR A 241 6.08 -22.23 18.94
C TYR A 241 6.33 -21.96 17.46
N PHE A 242 5.95 -22.93 16.62
CA PHE A 242 6.06 -22.75 15.17
C PHE A 242 4.65 -22.56 14.61
N PHE A 243 4.49 -21.54 13.76
CA PHE A 243 3.21 -21.27 13.11
C PHE A 243 3.41 -21.36 11.59
N GLY A 244 2.60 -22.17 10.93
CA GLY A 244 2.73 -22.30 9.49
C GLY A 244 2.31 -21.01 8.79
N VAL A 245 2.48 -20.94 7.47
CA VAL A 245 2.11 -19.75 6.72
C VAL A 245 0.61 -19.49 6.73
N ASP A 246 -0.17 -20.48 7.17
CA ASP A 246 -1.63 -20.32 7.24
C ASP A 246 -2.03 -19.89 8.64
N GLY A 247 -1.04 -19.65 9.48
CA GLY A 247 -1.31 -19.23 10.84
C GLY A 247 -1.56 -20.33 11.85
N VAL A 248 -1.63 -21.58 11.39
CA VAL A 248 -1.88 -22.69 12.30
C VAL A 248 -0.64 -23.13 13.04
N LYS A 249 -0.76 -23.28 14.35
CA LYS A 249 0.38 -23.71 15.16
C LYS A 249 0.64 -25.19 14.85
N ALA A 250 1.91 -25.56 14.74
CA ALA A 250 2.27 -26.94 14.44
C ALA A 250 3.63 -27.32 14.99
N SER B 1 -5.33 -60.17 -39.87
CA SER B 1 -5.13 -59.26 -38.70
C SER B 1 -3.82 -58.50 -38.82
N LYS B 2 -3.70 -57.41 -38.09
CA LYS B 2 -2.48 -56.64 -38.17
C LYS B 2 -1.99 -56.22 -36.81
N ALA B 3 -0.69 -56.36 -36.62
CA ALA B 3 -0.06 -55.98 -35.37
C ALA B 3 0.31 -54.51 -35.50
N VAL B 4 -0.06 -53.71 -34.50
CA VAL B 4 0.31 -52.31 -34.54
C VAL B 4 1.49 -52.13 -33.61
N THR B 5 2.45 -51.29 -33.98
CA THR B 5 3.63 -51.12 -33.15
C THR B 5 4.11 -49.69 -33.01
N GLY B 6 4.55 -49.35 -31.81
CA GLY B 6 5.05 -48.01 -31.58
C GLY B 6 4.04 -47.13 -30.89
N MET B 7 4.38 -45.85 -30.81
CA MET B 7 3.54 -44.86 -30.16
C MET B 7 2.52 -44.31 -31.16
N ARG B 8 1.28 -44.14 -30.70
CA ARG B 8 0.24 -43.61 -31.55
C ARG B 8 -0.72 -42.70 -30.80
N THR B 9 -1.08 -41.59 -31.44
CA THR B 9 -2.00 -40.63 -30.87
C THR B 9 -3.30 -40.67 -31.67
N ILE B 10 -4.37 -41.16 -31.05
CA ILE B 10 -5.67 -41.21 -31.72
C ILE B 10 -6.72 -40.46 -30.91
N ASP B 11 -7.31 -39.44 -31.51
CA ASP B 11 -8.32 -38.61 -30.86
C ASP B 11 -7.77 -37.92 -29.62
N GLY B 12 -6.53 -37.45 -29.70
CA GLY B 12 -5.92 -36.77 -28.56
C GLY B 12 -5.46 -37.68 -27.45
N LYS B 13 -5.67 -38.97 -27.62
CA LYS B 13 -5.27 -39.97 -26.63
C LYS B 13 -4.02 -40.70 -27.14
N LYS B 14 -3.05 -40.91 -26.25
CA LYS B 14 -1.81 -41.57 -26.64
C LYS B 14 -1.74 -43.02 -26.18
N TYR B 15 -1.30 -43.90 -27.08
CA TYR B 15 -1.17 -45.33 -26.77
C TYR B 15 0.19 -45.86 -27.18
N TYR B 16 0.58 -46.98 -26.59
CA TYR B 16 1.87 -47.57 -26.94
C TYR B 16 1.71 -49.08 -27.17
N PHE B 17 2.18 -49.54 -28.33
CA PHE B 17 2.10 -50.94 -28.67
C PHE B 17 3.51 -51.47 -28.76
N ASN B 18 3.88 -52.32 -27.80
CA ASN B 18 5.22 -52.85 -27.75
C ASN B 18 5.34 -54.35 -27.94
N THR B 19 4.34 -54.97 -28.54
CA THR B 19 4.41 -56.41 -28.79
C THR B 19 4.10 -56.74 -30.26
N ASN B 20 3.92 -58.03 -30.56
CA ASN B 20 3.67 -58.45 -31.93
C ASN B 20 2.20 -58.73 -32.23
N THR B 21 1.34 -57.97 -31.56
CA THR B 21 -0.08 -58.04 -31.77
C THR B 21 -0.51 -56.58 -31.80
N ALA B 22 -1.80 -56.36 -31.71
CA ALA B 22 -2.33 -55.02 -31.70
C ALA B 22 -2.67 -54.69 -30.25
N GLU B 23 -2.15 -55.50 -29.33
CA GLU B 23 -2.41 -55.28 -27.90
C GLU B 23 -1.64 -54.05 -27.43
N ALA B 24 -2.29 -53.23 -26.61
CA ALA B 24 -1.69 -52.00 -26.10
C ALA B 24 -1.03 -52.21 -24.74
N ALA B 25 0.09 -51.52 -24.53
CA ALA B 25 0.82 -51.60 -23.27
C ALA B 25 0.06 -50.86 -22.17
N THR B 26 0.21 -51.34 -20.94
CA THR B 26 -0.44 -50.71 -19.80
C THR B 26 0.60 -50.60 -18.69
N GLY B 27 0.37 -49.69 -17.72
CA GLY B 27 1.33 -49.54 -16.64
C GLY B 27 2.55 -48.70 -17.00
N TRP B 28 3.58 -48.74 -16.16
CA TRP B 28 4.78 -47.96 -16.38
C TRP B 28 5.58 -48.43 -17.60
N GLN B 29 6.01 -47.48 -18.41
CA GLN B 29 6.79 -47.77 -19.61
C GLN B 29 7.80 -46.65 -19.82
N THR B 30 9.04 -47.01 -20.13
CA THR B 30 10.07 -46.04 -20.38
C THR B 30 10.35 -46.06 -21.88
N ILE B 31 10.10 -44.94 -22.54
CA ILE B 31 10.30 -44.85 -23.99
C ILE B 31 11.24 -43.71 -24.33
N ASP B 32 12.40 -44.04 -24.87
CA ASP B 32 13.40 -43.05 -25.25
C ASP B 32 13.76 -42.15 -24.08
N GLY B 33 14.06 -42.75 -22.92
CA GLY B 33 14.43 -41.99 -21.75
C GLY B 33 13.32 -41.26 -21.01
N LYS B 34 12.09 -41.37 -21.50
CA LYS B 34 10.95 -40.71 -20.86
C LYS B 34 10.03 -41.76 -20.25
N LYS B 35 9.44 -41.44 -19.11
CA LYS B 35 8.54 -42.38 -18.44
C LYS B 35 7.08 -42.04 -18.67
N TYR B 36 6.28 -43.07 -18.92
CA TYR B 36 4.84 -42.93 -19.14
C TYR B 36 4.13 -43.92 -18.23
N TYR B 37 2.85 -43.69 -17.98
CA TYR B 37 2.05 -44.62 -17.20
C TYR B 37 0.73 -44.76 -17.95
N PHE B 38 0.53 -45.92 -18.57
CA PHE B 38 -0.67 -46.17 -19.35
C PHE B 38 -1.79 -46.74 -18.49
N ASN B 39 -2.95 -46.06 -18.51
CA ASN B 39 -4.09 -46.51 -17.74
C ASN B 39 -4.38 -47.99 -18.04
N THR B 40 -4.42 -48.79 -16.99
CA THR B 40 -4.65 -50.23 -17.09
C THR B 40 -6.08 -50.60 -17.53
N ASN B 41 -6.91 -49.59 -17.74
CA ASN B 41 -8.28 -49.81 -18.17
C ASN B 41 -8.46 -49.44 -19.65
N THR B 42 -8.05 -48.23 -20.01
CA THR B 42 -8.19 -47.73 -21.38
C THR B 42 -6.92 -47.78 -22.22
N SER B 43 -5.78 -48.00 -21.55
CA SER B 43 -4.47 -48.06 -22.18
C SER B 43 -3.98 -46.68 -22.63
N ILE B 44 -4.73 -45.66 -22.25
CA ILE B 44 -4.40 -44.27 -22.59
C ILE B 44 -3.32 -43.77 -21.62
N ALA B 45 -2.35 -43.02 -22.16
CA ALA B 45 -1.27 -42.49 -21.33
C ALA B 45 -1.84 -41.45 -20.34
N SER B 46 -1.45 -41.57 -19.08
CA SER B 46 -1.90 -40.64 -18.05
C SER B 46 -1.37 -39.24 -18.36
N THR B 47 -2.20 -38.23 -18.14
CA THR B 47 -1.80 -36.84 -18.34
C THR B 47 -2.21 -36.07 -17.09
N GLY B 48 -1.41 -35.09 -16.69
CA GLY B 48 -1.74 -34.32 -15.50
C GLY B 48 -1.59 -35.09 -14.20
N TYR B 49 -2.11 -34.51 -13.12
CA TYR B 49 -2.05 -35.10 -11.80
C TYR B 49 -2.67 -36.49 -11.85
N THR B 50 -1.89 -37.47 -11.41
CA THR B 50 -2.35 -38.85 -11.46
C THR B 50 -1.96 -39.64 -10.23
N ILE B 51 -2.95 -40.31 -9.64
CA ILE B 51 -2.72 -41.13 -8.46
C ILE B 51 -2.46 -42.54 -8.97
N ILE B 52 -1.32 -43.10 -8.56
CA ILE B 52 -0.92 -44.43 -8.97
C ILE B 52 -0.46 -45.20 -7.76
N ASN B 53 -1.23 -46.22 -7.38
CA ASN B 53 -0.92 -47.07 -6.23
C ASN B 53 -0.61 -46.26 -4.97
N ASP B 54 -1.56 -45.42 -4.59
CA ASP B 54 -1.44 -44.59 -3.40
C ASP B 54 -0.33 -43.54 -3.44
N LYS B 55 0.11 -43.17 -4.64
CA LYS B 55 1.14 -42.16 -4.78
C LYS B 55 0.78 -41.19 -5.88
N HIS B 56 1.35 -40.00 -5.81
CA HIS B 56 1.07 -38.95 -6.77
C HIS B 56 2.21 -38.74 -7.77
N PHE B 57 1.82 -38.57 -9.02
CA PHE B 57 2.77 -38.34 -10.10
C PHE B 57 2.15 -37.29 -11.02
N TYR B 58 2.97 -36.56 -11.74
CA TYR B 58 2.43 -35.57 -12.63
C TYR B 58 2.99 -35.83 -14.02
N PHE B 59 2.09 -35.99 -14.98
CA PHE B 59 2.47 -36.25 -16.35
C PHE B 59 2.15 -35.10 -17.30
N ASN B 60 3.01 -34.96 -18.31
CA ASN B 60 2.90 -33.95 -19.36
C ASN B 60 1.59 -34.15 -20.10
N THR B 61 1.26 -33.21 -21.00
CA THR B 61 0.05 -33.35 -21.81
C THR B 61 0.34 -34.50 -22.76
N ASP B 62 1.63 -34.74 -23.01
CA ASP B 62 2.09 -35.80 -23.89
C ASP B 62 2.35 -37.10 -23.11
N GLY B 63 1.88 -37.15 -21.87
CA GLY B 63 2.04 -38.34 -21.05
C GLY B 63 3.41 -38.56 -20.42
N ILE B 64 4.30 -37.60 -20.61
CA ILE B 64 5.64 -37.69 -20.06
C ILE B 64 5.69 -37.27 -18.60
N MET B 65 6.25 -38.15 -17.75
CA MET B 65 6.36 -37.88 -16.33
C MET B 65 7.25 -36.69 -16.07
N GLN B 66 6.80 -35.81 -15.18
CA GLN B 66 7.53 -34.59 -14.85
C GLN B 66 8.09 -34.54 -13.45
N ILE B 67 9.17 -33.78 -13.29
CA ILE B 67 9.78 -33.56 -11.99
C ILE B 67 9.66 -32.05 -11.76
N GLY B 68 9.08 -31.64 -10.64
CA GLY B 68 8.92 -30.22 -10.38
C GLY B 68 7.71 -29.95 -9.50
N VAL B 69 7.24 -28.70 -9.52
CA VAL B 69 6.10 -28.29 -8.70
C VAL B 69 4.88 -28.12 -9.60
N PHE B 70 3.87 -28.98 -9.40
CA PHE B 70 2.67 -28.94 -10.24
C PHE B 70 1.41 -29.03 -9.40
N LYS B 71 0.34 -28.41 -9.90
CA LYS B 71 -0.92 -28.38 -9.15
C LYS B 71 -1.78 -29.62 -9.25
N GLY B 72 -2.31 -30.02 -8.10
CA GLY B 72 -3.20 -31.15 -8.02
C GLY B 72 -4.47 -30.65 -7.38
N PRO B 73 -5.46 -31.53 -7.11
CA PRO B 73 -6.71 -31.11 -6.49
C PRO B 73 -6.53 -30.47 -5.11
N ASP B 74 -5.39 -30.74 -4.47
CA ASP B 74 -5.14 -30.19 -3.14
C ASP B 74 -4.03 -29.16 -3.08
N GLY B 75 -3.71 -28.55 -4.22
CA GLY B 75 -2.66 -27.55 -4.25
C GLY B 75 -1.42 -28.06 -4.96
N PHE B 76 -0.40 -27.22 -5.04
CA PHE B 76 0.84 -27.60 -5.71
C PHE B 76 1.67 -28.53 -4.84
N GLU B 77 2.12 -29.62 -5.44
CA GLU B 77 2.94 -30.61 -4.76
C GLU B 77 4.31 -30.68 -5.44
N TYR B 78 5.28 -31.23 -4.72
CA TYR B 78 6.63 -31.35 -5.26
C TYR B 78 6.94 -32.77 -5.70
N PHE B 79 6.98 -32.97 -7.02
CA PHE B 79 7.28 -34.27 -7.61
C PHE B 79 8.78 -34.24 -7.79
N ALA B 80 9.49 -34.90 -6.90
CA ALA B 80 10.95 -34.86 -6.87
C ALA B 80 11.74 -36.05 -7.37
N PRO B 81 13.04 -35.82 -7.61
CA PRO B 81 13.96 -36.87 -8.08
C PRO B 81 13.96 -37.96 -7.02
N ALA B 82 14.46 -39.14 -7.36
CA ALA B 82 14.49 -40.24 -6.42
C ALA B 82 15.32 -39.93 -5.18
N ASN B 83 14.88 -40.45 -4.04
CA ASN B 83 15.58 -40.29 -2.76
C ASN B 83 15.77 -38.87 -2.24
N THR B 84 14.87 -37.96 -2.58
CA THR B 84 14.97 -36.59 -2.08
C THR B 84 14.47 -36.63 -0.65
N ASP B 85 13.62 -37.61 -0.36
CA ASP B 85 13.05 -37.78 0.96
C ASP B 85 12.54 -39.20 1.14
N ALA B 86 12.80 -39.78 2.30
CA ALA B 86 12.36 -41.13 2.63
C ALA B 86 12.44 -42.08 1.43
N ASN B 87 13.58 -42.05 0.74
CA ASN B 87 13.80 -42.89 -0.43
C ASN B 87 12.62 -42.95 -1.39
N ASN B 88 12.00 -41.80 -1.64
CA ASN B 88 10.86 -41.77 -2.55
C ASN B 88 11.30 -42.20 -3.95
N ILE B 89 10.35 -42.70 -4.74
CA ILE B 89 10.68 -43.10 -6.11
C ILE B 89 10.63 -41.85 -6.97
N GLU B 90 11.43 -41.83 -8.04
CA GLU B 90 11.49 -40.67 -8.90
C GLU B 90 10.14 -40.22 -9.43
N GLY B 91 9.91 -38.90 -9.37
CA GLY B 91 8.67 -38.32 -9.86
C GLY B 91 7.54 -38.32 -8.85
N GLN B 92 7.74 -39.05 -7.76
CA GLN B 92 6.73 -39.13 -6.71
C GLN B 92 6.60 -37.80 -5.96
N ALA B 93 5.38 -37.44 -5.56
CA ALA B 93 5.17 -36.21 -4.80
C ALA B 93 5.66 -36.58 -3.39
N ILE B 94 6.46 -35.72 -2.78
CA ILE B 94 7.01 -36.03 -1.47
C ILE B 94 6.60 -35.12 -0.32
N ARG B 95 7.04 -35.53 0.86
CA ARG B 95 6.80 -34.74 2.06
C ARG B 95 7.88 -33.68 1.97
N TYR B 96 7.47 -32.42 2.09
CA TYR B 96 8.39 -31.29 2.01
C TYR B 96 7.65 -30.22 2.81
N GLN B 97 8.07 -30.02 4.06
CA GLN B 97 7.39 -29.10 4.98
C GLN B 97 8.11 -27.87 5.49
N ASN B 98 7.37 -26.76 5.51
CA ASN B 98 7.84 -25.49 6.05
C ASN B 98 9.26 -25.09 5.65
N ARG B 99 9.50 -24.93 4.35
CA ARG B 99 10.82 -24.56 3.88
C ARG B 99 10.80 -24.14 2.42
N PHE B 100 11.83 -23.42 2.01
CA PHE B 100 11.96 -22.95 0.64
C PHE B 100 12.47 -24.05 -0.28
N LEU B 101 12.10 -23.97 -1.54
CA LEU B 101 12.56 -24.90 -2.54
C LEU B 101 13.15 -24.07 -3.66
N TYR B 102 14.40 -24.32 -4.00
CA TYR B 102 15.07 -23.61 -5.06
C TYR B 102 15.25 -24.57 -6.21
N LEU B 103 14.51 -24.33 -7.29
CA LEU B 103 14.58 -25.19 -8.45
C LEU B 103 14.97 -24.36 -9.65
N HIS B 104 16.27 -24.36 -9.93
CA HIS B 104 16.84 -23.64 -11.07
C HIS B 104 16.17 -22.29 -11.33
N ASP B 105 16.63 -21.27 -10.62
CA ASP B 105 16.14 -19.90 -10.75
C ASP B 105 14.78 -19.63 -10.10
N ASN B 106 13.94 -20.65 -9.97
CA ASN B 106 12.62 -20.46 -9.37
C ASN B 106 12.64 -20.71 -7.87
N ILE B 107 11.88 -19.90 -7.13
CA ILE B 107 11.80 -20.06 -5.69
C ILE B 107 10.39 -20.40 -5.27
N TYR B 108 10.26 -21.42 -4.41
CA TYR B 108 8.96 -21.84 -3.89
C TYR B 108 9.07 -21.89 -2.38
N TYR B 109 7.94 -21.86 -1.70
CA TYR B 109 7.94 -22.04 -0.27
C TYR B 109 6.83 -23.03 0.03
N PHE B 110 7.17 -24.11 0.72
CA PHE B 110 6.20 -25.13 1.07
C PHE B 110 5.74 -25.06 2.53
N GLY B 111 4.43 -25.05 2.75
CA GLY B 111 3.90 -24.98 4.09
C GLY B 111 3.94 -26.31 4.82
N ASN B 112 3.22 -26.40 5.92
CA ASN B 112 3.20 -27.60 6.74
C ASN B 112 2.52 -28.78 6.05
N ASN B 113 1.59 -28.49 5.15
CA ASN B 113 0.85 -29.50 4.41
C ASN B 113 1.60 -30.00 3.17
N SER B 114 2.88 -29.69 3.07
CA SER B 114 3.66 -30.12 1.90
C SER B 114 3.12 -29.58 0.57
N LYS B 115 2.45 -28.44 0.61
CA LYS B 115 1.91 -27.82 -0.60
C LYS B 115 2.55 -26.44 -0.74
N ALA B 116 2.85 -26.04 -1.98
CA ALA B 116 3.48 -24.76 -2.23
C ALA B 116 2.53 -23.61 -1.98
N ALA B 117 3.06 -22.55 -1.36
CA ALA B 117 2.28 -21.37 -1.06
C ALA B 117 1.99 -20.62 -2.35
N THR B 118 0.82 -19.97 -2.42
CA THR B 118 0.47 -19.18 -3.58
C THR B 118 -0.12 -17.88 -3.07
N GLY B 119 0.07 -16.80 -3.81
CA GLY B 119 -0.46 -15.52 -3.38
C GLY B 119 0.45 -14.89 -2.35
N TRP B 120 -0.09 -13.97 -1.57
CA TRP B 120 0.67 -13.28 -0.53
C TRP B 120 0.83 -14.13 0.72
N VAL B 121 2.06 -14.25 1.22
CA VAL B 121 2.30 -14.97 2.46
C VAL B 121 3.42 -14.25 3.21
N THR B 122 3.47 -14.47 4.52
CA THR B 122 4.50 -13.86 5.33
C THR B 122 5.38 -14.98 5.84
N ILE B 123 6.69 -14.84 5.59
CA ILE B 123 7.67 -15.84 6.01
C ILE B 123 8.78 -15.11 6.75
N ASP B 124 9.01 -15.50 8.00
CA ASP B 124 10.03 -14.87 8.83
C ASP B 124 9.91 -13.34 8.82
N GLY B 125 8.68 -12.86 8.95
CA GLY B 125 8.47 -11.42 8.99
C GLY B 125 8.54 -10.67 7.67
N ARG B 126 8.72 -11.36 6.55
CA ARG B 126 8.78 -10.67 5.26
C ARG B 126 7.61 -11.09 4.37
N ARG B 127 7.02 -10.13 3.66
CA ARG B 127 5.90 -10.42 2.77
C ARG B 127 6.37 -10.85 1.38
N TYR B 128 5.95 -12.04 0.95
CA TYR B 128 6.29 -12.59 -0.37
C TYR B 128 5.02 -12.78 -1.21
N TYR B 129 5.19 -12.83 -2.53
CA TYR B 129 4.08 -13.11 -3.42
C TYR B 129 4.49 -14.24 -4.38
N PHE B 130 3.76 -15.34 -4.32
CA PHE B 130 4.05 -16.47 -5.21
C PHE B 130 2.93 -16.54 -6.23
N GLU B 131 3.30 -16.60 -7.51
CA GLU B 131 2.32 -16.65 -8.58
C GLU B 131 1.31 -17.78 -8.40
N PRO B 132 0.01 -17.44 -8.36
CA PRO B 132 -1.06 -18.43 -8.20
C PRO B 132 -1.04 -19.53 -9.26
N ASN B 133 -0.63 -19.20 -10.48
CA ASN B 133 -0.62 -20.16 -11.57
C ASN B 133 0.55 -21.15 -11.58
N THR B 134 1.61 -20.84 -10.86
CA THR B 134 2.80 -21.70 -10.87
C THR B 134 3.45 -21.92 -9.51
N ALA B 135 3.04 -21.13 -8.53
CA ALA B 135 3.60 -21.19 -7.18
C ALA B 135 5.02 -20.60 -7.15
N ILE B 136 5.47 -20.06 -8.27
CA ILE B 136 6.82 -19.47 -8.35
C ILE B 136 6.88 -18.05 -7.81
N GLY B 137 7.88 -17.77 -6.97
CA GLY B 137 8.04 -16.44 -6.43
C GLY B 137 8.05 -15.45 -7.58
N ALA B 138 7.31 -14.36 -7.43
CA ALA B 138 7.19 -13.36 -8.48
C ALA B 138 8.48 -12.59 -8.77
N ASN B 139 8.59 -12.16 -10.02
CA ASN B 139 9.75 -11.39 -10.49
C ASN B 139 9.29 -10.33 -11.48
N GLY B 140 9.86 -9.14 -11.36
CA GLY B 140 9.51 -8.07 -12.28
C GLY B 140 8.27 -7.29 -11.88
N TYR B 141 7.88 -6.36 -12.74
CA TYR B 141 6.71 -5.52 -12.52
C TYR B 141 5.43 -6.35 -12.51
N LYS B 142 4.56 -6.07 -11.56
CA LYS B 142 3.30 -6.77 -11.47
C LYS B 142 2.19 -5.90 -10.93
N ILE B 143 0.98 -6.15 -11.42
CA ILE B 143 -0.17 -5.43 -10.92
C ILE B 143 -0.98 -6.47 -10.17
N ILE B 144 -1.18 -6.25 -8.88
CA ILE B 144 -1.93 -7.20 -8.07
C ILE B 144 -3.07 -6.47 -7.38
N ASP B 145 -4.28 -6.87 -7.74
CA ASP B 145 -5.47 -6.25 -7.18
C ASP B 145 -5.40 -4.73 -7.23
N ASN B 146 -5.14 -4.21 -8.42
CA ASN B 146 -5.09 -2.76 -8.64
C ASN B 146 -3.91 -2.03 -7.99
N LYS B 147 -2.89 -2.78 -7.56
CA LYS B 147 -1.70 -2.18 -6.95
C LYS B 147 -0.46 -2.67 -7.69
N ASN B 148 0.46 -1.76 -7.97
CA ASN B 148 1.68 -2.09 -8.71
C ASN B 148 2.86 -2.37 -7.80
N PHE B 149 3.62 -3.40 -8.15
CA PHE B 149 4.80 -3.80 -7.39
C PHE B 149 5.91 -4.17 -8.36
N TYR B 150 7.12 -4.21 -7.85
CA TYR B 150 8.28 -4.59 -8.64
C TYR B 150 8.98 -5.66 -7.81
N PHE B 151 8.85 -6.92 -8.23
CA PHE B 151 9.39 -8.06 -7.51
C PHE B 151 10.75 -8.59 -7.90
N ARG B 152 11.41 -9.19 -6.92
CA ARG B 152 12.67 -9.85 -7.10
C ARG B 152 12.61 -11.07 -6.17
N ASN B 153 12.64 -12.26 -6.74
CA ASN B 153 12.61 -13.49 -5.96
C ASN B 153 11.43 -13.52 -4.97
N GLY B 154 10.26 -13.13 -5.42
CA GLY B 154 9.09 -13.13 -4.57
C GLY B 154 8.92 -11.94 -3.61
N LEU B 155 9.94 -11.09 -3.52
CA LEU B 155 9.88 -9.94 -2.61
C LEU B 155 9.70 -8.58 -3.27
N PRO B 156 8.70 -7.80 -2.81
CA PRO B 156 8.46 -6.48 -3.37
C PRO B 156 9.72 -5.66 -3.15
N GLN B 157 10.13 -4.91 -4.16
CA GLN B 157 11.33 -4.07 -4.05
C GLN B 157 10.93 -2.65 -3.73
N ILE B 158 11.72 -1.98 -2.91
CA ILE B 158 11.47 -0.60 -2.52
C ILE B 158 12.43 0.33 -3.27
N GLY B 159 11.89 1.36 -3.91
CA GLY B 159 12.73 2.29 -4.65
C GLY B 159 11.98 2.91 -5.83
N VAL B 160 12.74 3.50 -6.74
CA VAL B 160 12.14 4.11 -7.92
C VAL B 160 12.64 3.27 -9.09
N PHE B 161 11.74 2.48 -9.67
CA PHE B 161 12.12 1.59 -10.75
C PHE B 161 11.30 1.79 -12.02
N LYS B 162 11.92 1.53 -13.17
CA LYS B 162 11.23 1.73 -14.44
C LYS B 162 10.33 0.55 -14.77
N GLY B 163 9.02 0.79 -14.75
CA GLY B 163 8.08 -0.25 -15.10
C GLY B 163 7.65 -0.02 -16.53
N PRO B 164 6.72 -0.82 -17.05
CA PRO B 164 6.25 -0.66 -18.43
C PRO B 164 5.58 0.68 -18.70
N ASN B 165 5.23 1.41 -17.64
CA ASN B 165 4.58 2.70 -17.84
C ASN B 165 5.43 3.87 -17.34
N GLY B 166 6.72 3.63 -17.11
CA GLY B 166 7.59 4.69 -16.63
C GLY B 166 8.08 4.40 -15.22
N PHE B 167 8.93 5.27 -14.70
CA PHE B 167 9.47 5.10 -13.35
C PHE B 167 8.40 5.39 -12.32
N GLU B 168 8.15 4.44 -11.43
CA GLU B 168 7.17 4.61 -10.37
C GLU B 168 7.87 4.58 -9.01
N TYR B 169 7.23 5.13 -8.00
CA TYR B 169 7.82 5.13 -6.67
C TYR B 169 7.21 3.97 -5.86
N PHE B 170 7.95 2.88 -5.74
CA PHE B 170 7.51 1.69 -4.99
C PHE B 170 8.00 2.05 -3.59
N ALA B 171 7.10 2.65 -2.83
CA ALA B 171 7.42 3.22 -1.53
C ALA B 171 7.48 2.39 -0.28
N PRO B 172 8.20 2.91 0.73
CA PRO B 172 8.32 2.19 2.00
C PRO B 172 6.91 2.20 2.60
N ALA B 173 6.62 1.25 3.48
CA ALA B 173 5.30 1.19 4.09
C ALA B 173 4.94 2.52 4.73
N ASN B 174 3.65 2.85 4.69
CA ASN B 174 3.14 4.06 5.30
C ASN B 174 3.62 5.40 4.79
N THR B 175 4.08 5.43 3.54
CA THR B 175 4.51 6.68 2.94
C THR B 175 3.27 7.46 2.52
N ASP B 176 2.26 6.74 2.05
CA ASP B 176 0.99 7.34 1.62
C ASP B 176 -0.12 6.49 2.21
N ALA B 177 -0.86 7.05 3.17
CA ALA B 177 -1.91 6.29 3.83
C ALA B 177 -1.21 5.09 4.48
N ASN B 178 -1.72 3.88 4.27
CA ASN B 178 -1.10 2.71 4.85
C ASN B 178 -0.57 1.75 3.79
N ASN B 179 0.08 2.29 2.75
CA ASN B 179 0.62 1.44 1.70
C ASN B 179 1.63 0.46 2.34
N ILE B 180 1.80 -0.70 1.74
CA ILE B 180 2.76 -1.66 2.26
C ILE B 180 4.07 -1.44 1.53
N ASP B 181 5.16 -1.99 2.06
CA ASP B 181 6.49 -1.85 1.44
C ASP B 181 6.44 -2.26 -0.03
N GLY B 182 6.95 -1.39 -0.90
CA GLY B 182 7.00 -1.70 -2.32
C GLY B 182 5.80 -1.35 -3.19
N GLN B 183 4.71 -0.94 -2.56
CA GLN B 183 3.50 -0.57 -3.30
C GLN B 183 3.73 0.75 -4.04
N ALA B 184 3.50 0.78 -5.34
CA ALA B 184 3.69 2.03 -6.08
C ALA B 184 2.65 3.01 -5.59
N ILE B 185 3.07 4.24 -5.30
CA ILE B 185 2.10 5.20 -4.80
C ILE B 185 1.85 6.39 -5.69
N ARG B 186 0.75 7.08 -5.40
CA ARG B 186 0.37 8.29 -6.09
C ARG B 186 1.42 9.28 -5.63
N TYR B 187 1.98 10.04 -6.56
CA TYR B 187 3.01 11.00 -6.21
C TYR B 187 3.06 11.96 -7.38
N GLN B 188 2.35 13.07 -7.25
CA GLN B 188 2.21 14.05 -8.33
C GLN B 188 2.84 15.43 -8.19
N ASN B 189 3.50 15.87 -9.26
CA ASN B 189 4.13 17.18 -9.33
C ASN B 189 4.87 17.58 -8.07
N ARG B 190 5.85 16.77 -7.70
CA ARG B 190 6.63 17.04 -6.50
C ARG B 190 7.99 16.38 -6.63
N PHE B 191 8.94 16.87 -5.84
CA PHE B 191 10.27 16.32 -5.78
C PHE B 191 10.22 15.19 -4.76
N LEU B 192 11.07 14.20 -4.94
CA LEU B 192 11.18 13.10 -3.99
C LEU B 192 12.64 13.10 -3.58
N HIS B 193 12.88 13.26 -2.28
CA HIS B 193 14.23 13.26 -1.71
C HIS B 193 14.38 11.95 -0.94
N LEU B 194 15.24 11.08 -1.43
CA LEU B 194 15.43 9.79 -0.80
C LEU B 194 16.91 9.52 -0.54
N LEU B 195 17.28 9.59 0.74
CA LEU B 195 18.64 9.33 1.17
C LEU B 195 19.70 9.94 0.28
N GLY B 196 19.58 11.24 0.03
CA GLY B 196 20.57 11.92 -0.79
C GLY B 196 20.32 11.99 -2.28
N ASN B 197 19.40 11.17 -2.79
CA ASN B 197 19.12 11.21 -4.23
C ASN B 197 17.85 12.01 -4.45
N ILE B 198 17.75 12.62 -5.63
CA ILE B 198 16.63 13.49 -5.94
C ILE B 198 15.90 13.12 -7.22
N TYR B 199 14.57 13.12 -7.15
CA TYR B 199 13.71 12.79 -8.30
C TYR B 199 12.60 13.84 -8.38
N TYR B 200 11.95 13.91 -9.53
CA TYR B 200 10.81 14.81 -9.70
C TYR B 200 9.73 13.98 -10.37
N PHE B 201 8.53 14.00 -9.82
CA PHE B 201 7.42 13.24 -10.38
C PHE B 201 6.37 14.16 -10.98
N GLY B 202 5.91 13.82 -12.18
CA GLY B 202 4.90 14.62 -12.87
C GLY B 202 3.48 14.25 -12.49
N ASN B 203 2.52 14.81 -13.19
CA ASN B 203 1.12 14.56 -12.89
C ASN B 203 0.72 13.08 -12.99
N ASN B 204 1.43 12.32 -13.83
CA ASN B 204 1.13 10.90 -14.02
C ASN B 204 1.77 9.99 -12.96
N SER B 205 2.32 10.58 -11.91
CA SER B 205 2.99 9.83 -10.84
C SER B 205 4.17 9.02 -11.33
N LYS B 206 4.82 9.51 -12.39
CA LYS B 206 6.00 8.85 -12.95
C LYS B 206 7.16 9.85 -12.89
N ALA B 207 8.35 9.34 -12.60
CA ALA B 207 9.52 10.19 -12.51
C ALA B 207 9.95 10.67 -13.88
N VAL B 208 10.26 11.95 -13.98
CA VAL B 208 10.69 12.54 -15.25
C VAL B 208 12.17 12.25 -15.52
N THR B 209 12.57 12.35 -16.79
CA THR B 209 13.95 12.11 -17.18
C THR B 209 14.38 13.25 -18.12
N GLY B 210 15.69 13.42 -18.29
CA GLY B 210 16.20 14.46 -19.16
C GLY B 210 16.20 15.84 -18.53
N TRP B 211 16.47 16.85 -19.35
CA TRP B 211 16.50 18.24 -18.88
C TRP B 211 15.10 18.68 -18.50
N GLN B 212 14.97 19.34 -17.37
CA GLN B 212 13.68 19.83 -16.91
C GLN B 212 13.87 21.20 -16.31
N THR B 213 12.94 22.10 -16.60
CA THR B 213 12.98 23.45 -16.03
C THR B 213 11.91 23.40 -14.94
N ILE B 214 12.31 23.60 -13.70
CA ILE B 214 11.35 23.54 -12.59
C ILE B 214 11.55 24.74 -11.69
N ASN B 215 10.52 25.58 -11.59
CA ASN B 215 10.59 26.79 -10.79
C ASN B 215 11.79 27.65 -11.14
N GLY B 216 12.08 27.74 -12.44
CA GLY B 216 13.19 28.57 -12.88
C GLY B 216 14.58 27.96 -12.77
N ASN B 217 14.67 26.70 -12.37
CA ASN B 217 15.98 26.04 -12.24
C ASN B 217 16.05 24.84 -13.19
N MET B 218 17.24 24.59 -13.74
CA MET B 218 17.43 23.47 -14.65
C MET B 218 17.96 22.24 -13.89
N TYR B 219 17.39 21.09 -14.22
CA TYR B 219 17.80 19.83 -13.61
C TYR B 219 17.96 18.85 -14.76
N TYR B 220 18.79 17.84 -14.58
CA TYR B 220 18.93 16.79 -15.59
C TYR B 220 18.76 15.47 -14.85
N PHE B 221 17.66 14.78 -15.13
CA PHE B 221 17.38 13.50 -14.48
C PHE B 221 17.86 12.38 -15.38
N MET B 222 18.83 11.61 -14.88
CA MET B 222 19.40 10.50 -15.64
C MET B 222 18.33 9.58 -16.19
N PRO B 223 18.38 9.31 -17.50
CA PRO B 223 17.42 8.44 -18.20
C PRO B 223 17.33 7.00 -17.69
N ASP B 224 18.41 6.48 -17.13
CA ASP B 224 18.41 5.10 -16.65
C ASP B 224 17.95 4.91 -15.21
N THR B 225 18.04 5.95 -14.39
CA THR B 225 17.62 5.85 -12.98
C THR B 225 16.58 6.89 -12.57
N ALA B 226 16.50 7.97 -13.33
CA ALA B 226 15.58 9.09 -13.06
C ALA B 226 16.11 9.97 -11.93
N MET B 227 17.30 9.66 -11.43
CA MET B 227 17.91 10.46 -10.38
C MET B 227 18.56 11.70 -10.99
N ALA B 228 18.41 12.84 -10.32
CA ALA B 228 18.97 14.09 -10.82
C ALA B 228 20.49 14.09 -10.70
N ALA B 229 21.16 14.71 -11.66
CA ALA B 229 22.60 14.82 -11.60
C ALA B 229 22.82 15.80 -10.46
N ALA B 230 23.76 15.53 -9.57
CA ALA B 230 23.97 16.44 -8.47
C ALA B 230 25.29 16.25 -7.76
N GLY B 231 25.83 17.34 -7.23
CA GLY B 231 27.07 17.30 -6.48
C GLY B 231 28.37 17.20 -7.26
N GLY B 232 28.42 17.76 -8.47
CA GLY B 232 29.66 17.70 -9.23
C GLY B 232 29.51 17.93 -10.71
N LEU B 233 30.56 17.53 -11.45
CA LEU B 233 30.61 17.68 -12.90
C LEU B 233 30.01 16.48 -13.62
N PHE B 234 29.18 16.74 -14.62
CA PHE B 234 28.58 15.69 -15.42
C PHE B 234 28.68 16.02 -16.88
N GLU B 235 28.95 15.02 -17.69
CA GLU B 235 29.03 15.23 -19.13
C GLU B 235 27.71 14.73 -19.68
N ILE B 236 26.96 15.63 -20.32
CA ILE B 236 25.67 15.30 -20.89
C ILE B 236 25.69 15.71 -22.36
N ASP B 237 25.57 14.73 -23.24
CA ASP B 237 25.56 14.98 -24.67
C ASP B 237 26.80 15.75 -25.13
N GLY B 238 27.96 15.33 -24.64
CA GLY B 238 29.22 15.94 -25.02
C GLY B 238 29.56 17.28 -24.39
N VAL B 239 28.71 17.77 -23.48
CA VAL B 239 28.96 19.04 -22.83
C VAL B 239 29.05 18.80 -21.33
N ILE B 240 30.04 19.42 -20.69
CA ILE B 240 30.22 19.26 -19.26
C ILE B 240 29.56 20.39 -18.48
N TYR B 241 28.67 20.03 -17.56
CA TYR B 241 27.96 20.99 -16.71
C TYR B 241 28.28 20.71 -15.24
N PHE B 242 28.00 21.67 -14.36
CA PHE B 242 28.19 21.45 -12.93
C PHE B 242 26.82 21.51 -12.26
N PHE B 243 26.53 20.56 -11.38
CA PHE B 243 25.25 20.54 -10.67
C PHE B 243 25.51 20.59 -9.16
N GLY B 244 24.77 21.45 -8.46
CA GLY B 244 24.92 21.56 -7.01
C GLY B 244 24.33 20.35 -6.31
N VAL B 245 24.46 20.29 -4.99
CA VAL B 245 23.94 19.15 -4.24
C VAL B 245 22.42 19.11 -4.26
N ASP B 246 21.79 20.21 -4.66
CA ASP B 246 20.34 20.23 -4.72
C ASP B 246 19.84 19.81 -6.09
N GLY B 247 20.79 19.44 -6.96
CA GLY B 247 20.43 19.04 -8.31
C GLY B 247 20.32 20.18 -9.32
N VAL B 248 20.49 21.42 -8.85
CA VAL B 248 20.38 22.58 -9.73
C VAL B 248 21.64 22.82 -10.55
N LYS B 249 21.48 22.89 -11.87
CA LYS B 249 22.61 23.14 -12.75
C LYS B 249 23.12 24.54 -12.44
N ALA B 250 24.41 24.65 -12.12
CA ALA B 250 24.99 25.96 -11.81
C ALA B 250 25.34 26.66 -13.12
N PRO B 251 25.58 27.97 -13.07
CA PRO B 251 25.91 28.70 -14.31
C PRO B 251 27.23 28.21 -14.92
N GLY B 252 27.38 28.42 -16.22
CA GLY B 252 28.61 28.06 -16.89
C GLY B 252 28.64 26.72 -17.60
N ILE B 253 29.59 26.59 -18.52
CA ILE B 253 29.78 25.37 -19.28
C ILE B 253 31.19 24.83 -19.02
N TYR B 254 31.22 23.56 -18.63
CA TYR B 254 32.45 22.84 -18.31
C TYR B 254 32.92 23.20 -16.91
C1 NAG C . -14.76 33.62 -5.09
C2 NAG C . -15.03 33.95 -3.62
C3 NAG C . -14.07 35.07 -3.16
C4 NAG C . -12.61 34.73 -3.51
C5 NAG C . -12.49 34.33 -4.98
C6 NAG C . -11.11 33.84 -5.34
C7 NAG C . -17.06 34.05 -2.33
C8 NAG C . -18.31 34.87 -2.03
N2 NAG C . -16.40 34.36 -3.45
O1 NAG C . -15.56 32.56 -5.48
O3 NAG C . -14.18 35.26 -1.76
O4 NAG C . -11.80 35.90 -3.26
O5 NAG C . -13.40 33.25 -5.28
O6 NAG C . -10.83 32.59 -4.72
O7 NAG C . -16.70 33.15 -1.56
C1 GAL C . -10.76 35.81 -2.35
C2 GAL C . -9.96 37.12 -2.43
C3 GAL C . -9.04 37.38 -1.23
C4 GAL C . -9.77 37.09 0.07
C5 GAL C . -10.37 35.69 0.01
C6 GAL C . -11.07 35.30 1.30
O2 GAL C . -9.17 37.12 -3.62
O3 GAL C . -8.63 38.77 -1.27
O4 GAL C . -10.80 38.02 0.25
O5 GAL C . -11.35 35.65 -1.05
O6 GAL C . -11.31 33.90 1.36
C1 GLA C . -7.77 39.26 -0.30
C2 GLA C . -7.76 40.80 -0.34
C3 GLA C . -7.09 41.28 -1.63
C4 GLA C . -5.69 40.70 -1.74
C5 GLA C . -5.75 39.16 -1.63
C6 GLA C . -4.36 38.55 -1.57
O2 GLA C . -9.10 41.28 -0.31
O3 GLA C . -7.00 42.70 -1.63
O4 GLA C . -4.87 41.23 -0.71
O5 GLA C . -6.44 38.76 -0.43
O6 GLA C . -4.43 37.12 -1.59
C1 NAG D . -22.59 -6.72 17.20
C2 NAG D . -21.66 -5.51 17.18
C3 NAG D . -21.95 -4.63 15.97
C4 NAG D . -21.95 -5.45 14.68
C5 NAG D . -22.88 -6.67 14.84
C6 NAG D . -22.86 -7.60 13.63
C7 NAG D . -20.77 -4.44 19.14
C8 NAG D . -20.99 -3.56 20.36
N2 NAG D . -21.82 -4.70 18.37
O1 NAG D . -22.23 -7.59 18.22
O3 NAG D . -20.98 -3.60 15.89
O4 NAG D . -22.46 -4.62 13.63
O5 NAG D . -22.49 -7.45 15.98
O6 NAG D . -21.62 -8.30 13.52
O7 NAG D . -19.64 -4.90 18.91
C1 GAL D . -21.67 -4.43 12.52
C2 GAL D . -22.53 -3.67 11.49
C3 GAL D . -21.74 -2.98 10.38
C4 GAL D . -20.52 -2.24 10.98
C5 GAL D . -19.72 -3.20 11.85
C6 GAL D . -18.49 -2.55 12.45
O2 GAL D . -23.43 -4.60 10.90
O3 GAL D . -22.63 -2.03 9.75
O4 GAL D . -20.97 -1.16 11.78
O5 GAL D . -20.55 -3.62 12.95
O6 GAL D . -17.64 -3.53 13.06
C1 GLA D . -22.16 -1.34 8.61
C2 GLA D . -23.19 -0.27 8.20
C3 GLA D . -24.44 -0.91 7.59
C4 GLA D . -24.05 -1.83 6.44
C5 GLA D . -23.02 -2.87 6.91
C6 GLA D . -22.50 -3.65 5.71
O2 GLA D . -23.58 0.47 9.35
O3 GLA D . -25.29 0.12 7.11
O4 GLA D . -23.51 -1.07 5.38
O5 GLA D . -21.88 -2.20 7.51
O6 GLA D . -21.59 -4.65 6.10
C1 NAG E . -1.25 -32.57 5.51
C2 NAG E . -1.59 -32.80 4.04
C3 NAG E . -0.87 -34.05 3.52
C4 NAG E . 0.65 -33.97 3.81
C5 NAG E . 0.86 -33.67 5.30
C6 NAG E . 2.31 -33.52 5.71
C7 NAG E . -3.67 -32.36 2.89
C8 NAG E . -5.14 -32.67 2.74
N2 NAG E . -3.02 -32.97 3.89
O1 NAG E . -1.83 -31.39 5.94
O3 NAG E . -1.08 -34.19 2.12
O4 NAG E . 1.25 -35.24 3.50
O5 NAG E . 0.17 -32.46 5.68
O6 NAG E . 2.92 -32.41 5.06
O7 NAG E . -3.11 -31.58 2.11
C1 GAL E . 2.23 -35.30 2.52
C2 GAL E . 2.76 -36.75 2.49
C3 GAL E . 3.48 -37.15 1.19
C4 GAL E . 2.76 -36.60 -0.04
C5 GAL E . 2.51 -35.12 0.15
C6 GAL E . 1.86 -34.49 -1.06
O2 GAL E . 3.65 -36.94 3.57
O3 GAL E . 3.49 -38.60 1.13
O4 GAL E . 1.53 -37.29 -0.21
O5 GAL E . 1.63 -34.93 1.27
O6 GAL E . 2.12 -33.09 -1.11
C1 GLA E . 4.21 -39.20 0.09
C2 GLA E . 3.85 -40.70 0.04
C3 GLA E . 4.43 -41.42 1.26
C4 GLA E . 5.93 -41.19 1.31
C5 GLA E . 6.24 -39.68 1.34
C6 GLA E . 7.72 -39.40 1.26
O2 GLA E . 2.44 -40.86 0.05
O3 GLA E . 4.15 -42.81 1.17
O4 GLA E . 6.54 -41.79 0.17
O5 GLA E . 5.62 -39.02 0.20
O6 GLA E . 7.97 -38.00 1.40
C1 NAG F . -2.02 8.68 -14.92
C2 NAG F . -1.11 7.47 -14.82
C3 NAG F . -1.47 6.64 -13.58
C4 NAG F . -1.47 7.50 -12.32
C5 NAG F . -2.35 8.74 -12.54
C6 NAG F . -2.25 9.71 -11.38
C7 NAG F . -0.14 6.36 -16.71
C8 NAG F . -0.26 5.31 -17.81
N2 NAG F . -1.23 6.64 -16.01
O1 NAG F . -1.59 9.48 -15.97
O3 NAG F . -0.54 5.58 -13.43
O4 NAG F . -2.04 6.73 -11.26
O5 NAG F . -1.94 9.47 -13.73
O6 NAG F . -0.93 10.20 -11.21
O7 NAG F . 0.94 6.90 -16.50
C1 GAL F . -1.27 6.45 -10.14
C2 GAL F . -2.15 5.66 -9.19
C3 GAL F . -1.39 5.08 -8.00
C4 GAL F . -0.07 4.42 -8.45
C5 GAL F . 0.70 5.32 -9.43
C6 GAL F . 1.93 4.64 -9.99
O2 GAL F . -3.20 6.50 -8.70
O3 GAL F . -2.23 4.07 -7.42
O4 GAL F . -0.35 3.18 -9.09
O5 GAL F . -0.15 5.67 -10.54
O6 GAL F . 2.79 5.58 -10.64
C1 GLA F . -2.23 3.87 -6.03
C2 GLA F . -3.01 2.56 -5.74
C3 GLA F . -4.50 2.79 -5.98
C4 GLA F . -4.97 3.93 -5.09
C5 GLA F . -4.22 5.18 -5.50
C6 GLA F . -4.65 6.36 -4.63
O2 GLA F . -2.58 1.55 -6.65
O3 GLA F . -5.23 1.60 -5.70
O4 GLA F . -4.66 3.62 -3.75
O5 GLA F . -2.79 4.99 -5.31
O6 GLA F . -3.79 7.46 -4.80
C1 GOL G . -8.15 -21.11 6.70
O1 GOL G . -8.67 -19.93 6.08
C2 GOL G . -6.99 -20.78 7.63
O2 GOL G . -6.58 -21.94 8.33
C3 GOL G . -5.81 -20.25 6.82
O3 GOL G . -5.29 -19.09 7.46
C1 GOL H . -0.16 -23.34 25.23
O1 GOL H . 0.63 -23.38 24.05
C2 GOL H . -1.36 -22.43 25.00
O2 GOL H . -2.49 -23.22 24.57
C3 GOL H . -1.70 -21.75 26.31
O3 GOL H . -2.94 -21.07 26.20
C1 GOL I . -1.59 43.44 9.98
O1 GOL I . -0.58 42.52 10.44
C2 GOL I . -1.58 44.72 10.83
O2 GOL I . -0.98 44.46 12.11
C3 GOL I . -0.81 45.83 10.12
O3 GOL I . -1.66 46.46 9.15
C1 GOL J . -22.05 1.88 16.83
O1 GOL J . -22.81 2.21 15.66
C2 GOL J . -20.57 1.70 16.45
O2 GOL J . -20.43 1.02 15.21
C3 GOL J . -19.87 3.06 16.35
O3 GOL J . -18.65 3.00 17.07
C1 GOL K . 15.26 20.15 -5.16
O1 GOL K . 16.50 19.55 -4.81
C2 GOL K . 15.34 21.66 -4.91
O2 GOL K . 16.34 22.23 -5.77
C3 GOL K . 13.98 22.30 -5.25
O3 GOL K . 13.05 22.04 -4.20
C1 GOL L . 8.91 -44.43 -10.69
O1 GOL L . 9.36 -43.36 -11.54
C2 GOL L . 8.78 -45.72 -11.51
O2 GOL L . 9.89 -45.85 -12.40
C3 GOL L . 8.78 -46.93 -10.56
O3 GOL L . 7.44 -47.30 -10.26
#